data_1KGJ
#
_entry.id   1KGJ
#
_cell.length_a   82.545
_cell.length_b   82.545
_cell.length_c   161.741
_cell.angle_alpha   90.00
_cell.angle_beta   90.00
_cell.angle_gamma   90.00
#
_symmetry.space_group_name_H-M   'P 43 21 2'
#
loop_
_entity.id
_entity.type
_entity.pdbx_description
1 polymer TRANSTHYRETIN
2 non-polymer "6,4'-DIHYDROXY-3-METHYL-3',5'-DIBROMOFLAVONE"
3 water water
#
_entity_poly.entity_id   1
_entity_poly.type   'polypeptide(L)'
_entity_poly.pdbx_seq_one_letter_code
;GPGGAGESKCPLMVKVLDAVRGSPAVDVAVKVFKKTADGSWEPFASGKTAESGELHGLTTDEKFTEGVYRVELDTKSYWK
ALGISPFHEYAEVVFTANDSGHRHYTIAALLSPYSYSTTAVVSNPQN
;
_entity_poly.pdbx_strand_id   A,B,C,D
#
# COMPACT_ATOMS: atom_id res chain seq x y z
N ALA A 5 3.80 -34.62 1.67
CA ALA A 5 4.11 -33.52 2.63
C ALA A 5 2.92 -33.24 3.56
N GLY A 6 2.84 -32.00 4.05
CA GLY A 6 1.76 -31.61 4.94
C GLY A 6 0.51 -31.18 4.19
N GLU A 7 -0.03 -30.01 4.52
CA GLU A 7 -1.24 -29.51 3.86
C GLU A 7 -1.00 -29.00 2.44
N SER A 8 -0.12 -28.01 2.29
CA SER A 8 0.17 -27.42 1.00
C SER A 8 1.10 -28.22 0.09
N LYS A 9 0.91 -28.02 -1.21
CA LYS A 9 1.66 -28.70 -2.27
C LYS A 9 2.80 -27.86 -2.86
N CYS A 10 2.62 -26.54 -2.89
CA CYS A 10 3.63 -25.63 -3.46
C CYS A 10 4.18 -24.56 -2.49
N PRO A 11 5.51 -24.54 -2.30
CA PRO A 11 6.20 -23.59 -1.42
C PRO A 11 6.20 -22.13 -1.89
N LEU A 12 6.25 -21.91 -3.20
CA LEU A 12 6.24 -20.55 -3.73
C LEU A 12 4.93 -20.27 -4.42
N MET A 13 4.19 -19.29 -3.90
CA MET A 13 2.90 -18.90 -4.44
C MET A 13 2.82 -17.39 -4.65
N VAL A 14 2.11 -17.00 -5.70
CA VAL A 14 1.95 -15.58 -6.00
C VAL A 14 0.47 -15.24 -6.13
N LYS A 15 0.08 -14.13 -5.52
CA LYS A 15 -1.30 -13.68 -5.60
C LYS A 15 -1.24 -12.22 -6.02
N VAL A 16 -2.02 -11.89 -7.04
CA VAL A 16 -2.09 -10.55 -7.62
C VAL A 16 -3.52 -10.03 -7.55
N LEU A 17 -3.68 -8.76 -7.21
CA LEU A 17 -5.00 -8.14 -7.09
C LEU A 17 -5.17 -6.90 -7.93
N ASP A 18 -6.43 -6.57 -8.22
CA ASP A 18 -6.77 -5.40 -9.02
C ASP A 18 -7.49 -4.36 -8.14
N ALA A 19 -6.82 -3.24 -7.87
CA ALA A 19 -7.39 -2.19 -7.04
C ALA A 19 -8.40 -1.28 -7.74
N VAL A 20 -8.34 -1.24 -9.08
CA VAL A 20 -9.25 -0.42 -9.86
C VAL A 20 -10.65 -1.06 -9.96
N ARG A 21 -10.67 -2.38 -10.14
CA ARG A 21 -11.90 -3.14 -10.27
C ARG A 21 -12.26 -3.96 -9.03
N GLY A 22 -11.34 -4.10 -8.08
CA GLY A 22 -11.62 -4.85 -6.88
C GLY A 22 -11.91 -6.29 -7.22
N SER A 23 -10.98 -6.90 -7.93
CA SER A 23 -11.11 -8.29 -8.36
C SER A 23 -9.74 -8.91 -8.53
N PRO A 24 -9.69 -10.25 -8.63
CA PRO A 24 -8.40 -10.92 -8.81
C PRO A 24 -7.87 -10.53 -10.17
N ALA A 25 -6.55 -10.36 -10.28
CA ALA A 25 -5.95 -10.02 -11.56
C ALA A 25 -5.71 -11.37 -12.25
N VAL A 26 -6.37 -11.56 -13.38
CA VAL A 26 -6.24 -12.82 -14.13
C VAL A 26 -5.44 -12.66 -15.42
N ASP A 27 -4.66 -13.69 -15.74
CA ASP A 27 -3.81 -13.75 -16.91
C ASP A 27 -2.64 -12.79 -16.85
N VAL A 28 -2.08 -12.65 -15.66
CA VAL A 28 -0.92 -11.80 -15.47
C VAL A 28 0.28 -12.74 -15.59
N ALA A 29 1.21 -12.41 -16.48
CA ALA A 29 2.40 -13.22 -16.68
C ALA A 29 3.35 -13.07 -15.51
N VAL A 30 3.79 -14.21 -14.98
CA VAL A 30 4.69 -14.23 -13.85
C VAL A 30 5.85 -15.13 -14.27
N LYS A 31 7.06 -14.66 -14.00
CA LYS A 31 8.26 -15.41 -14.35
C LYS A 31 9.25 -15.31 -13.20
N VAL A 32 9.73 -16.45 -12.73
CA VAL A 32 10.72 -16.46 -11.65
C VAL A 32 12.10 -16.80 -12.21
N PHE A 33 13.11 -16.24 -11.56
CA PHE A 33 14.50 -16.46 -11.95
C PHE A 33 15.29 -16.76 -10.69
N LYS A 34 16.50 -17.29 -10.86
CA LYS A 34 17.35 -17.62 -9.72
C LYS A 34 18.80 -17.26 -10.01
N LYS A 35 19.35 -16.37 -9.19
CA LYS A 35 20.72 -15.88 -9.32
C LYS A 35 21.73 -17.02 -9.16
N THR A 36 22.22 -17.56 -10.27
CA THR A 36 23.19 -18.65 -10.21
C THR A 36 24.51 -18.15 -9.61
N ALA A 37 25.34 -19.07 -9.14
CA ALA A 37 26.63 -18.76 -8.53
C ALA A 37 27.38 -17.59 -9.17
N ASP A 38 27.44 -17.56 -10.51
CA ASP A 38 28.16 -16.51 -11.25
C ASP A 38 27.50 -15.14 -11.05
N GLY A 39 26.28 -15.15 -10.53
CA GLY A 39 25.53 -13.93 -10.32
C GLY A 39 24.48 -13.78 -11.40
N SER A 40 24.56 -14.65 -12.40
CA SER A 40 23.63 -14.65 -13.53
C SER A 40 22.24 -15.12 -13.07
N TRP A 41 21.21 -14.79 -13.84
CA TRP A 41 19.85 -15.19 -13.50
C TRP A 41 19.31 -16.36 -14.33
N GLU A 42 19.24 -17.53 -13.72
CA GLU A 42 18.75 -18.71 -14.41
C GLU A 42 17.22 -18.77 -14.37
N PRO A 43 16.58 -19.10 -15.51
CA PRO A 43 15.13 -19.20 -15.61
C PRO A 43 14.64 -20.29 -14.67
N PHE A 44 14.02 -19.89 -13.56
CA PHE A 44 13.53 -20.87 -12.61
C PHE A 44 12.17 -21.45 -13.03
N ALA A 45 11.19 -20.56 -13.26
CA ALA A 45 9.84 -20.98 -13.65
C ALA A 45 9.06 -19.82 -14.24
N SER A 46 7.87 -20.13 -14.75
CA SER A 46 6.98 -19.13 -15.34
C SER A 46 5.56 -19.68 -15.40
N GLY A 47 4.61 -18.84 -15.02
CA GLY A 47 3.21 -19.22 -15.03
C GLY A 47 2.38 -17.99 -15.31
N LYS A 48 1.05 -18.17 -15.28
CA LYS A 48 0.08 -17.12 -15.54
C LYS A 48 -1.00 -17.17 -14.44
N THR A 49 -1.22 -16.06 -13.72
CA THR A 49 -2.24 -16.03 -12.64
C THR A 49 -3.61 -16.48 -13.10
N ALA A 50 -4.16 -17.51 -12.43
CA ALA A 50 -5.47 -18.04 -12.79
C ALA A 50 -6.63 -17.07 -12.55
N GLU A 51 -7.85 -17.59 -12.62
CA GLU A 51 -9.06 -16.78 -12.43
C GLU A 51 -9.20 -16.23 -11.01
N SER A 52 -8.46 -16.79 -10.07
CA SER A 52 -8.49 -16.37 -8.68
C SER A 52 -7.36 -15.39 -8.35
N GLY A 53 -6.59 -15.01 -9.37
CA GLY A 53 -5.48 -14.10 -9.18
C GLY A 53 -4.28 -14.81 -8.59
N GLU A 54 -4.46 -16.11 -8.34
CA GLU A 54 -3.41 -16.94 -7.76
C GLU A 54 -2.68 -17.77 -8.82
N LEU A 55 -1.45 -18.16 -8.52
CA LEU A 55 -0.65 -19.00 -9.42
C LEU A 55 -0.08 -20.20 -8.66
N HIS A 56 -0.57 -21.40 -8.99
CA HIS A 56 -0.12 -22.64 -8.34
C HIS A 56 0.67 -23.56 -9.28
N GLY A 57 1.48 -24.42 -8.68
CA GLY A 57 2.30 -25.36 -9.42
C GLY A 57 3.55 -24.73 -9.99
N LEU A 58 4.10 -23.78 -9.26
CA LEU A 58 5.29 -23.10 -9.71
C LEU A 58 6.52 -23.98 -9.53
N THR A 59 6.70 -24.50 -8.32
CA THR A 59 7.85 -25.34 -8.03
C THR A 59 7.51 -26.36 -6.96
N THR A 60 8.50 -27.17 -6.58
CA THR A 60 8.34 -28.19 -5.53
C THR A 60 9.37 -27.89 -4.45
N ASP A 61 9.14 -28.43 -3.24
CA ASP A 61 10.07 -28.20 -2.13
C ASP A 61 11.50 -28.64 -2.45
N GLU A 62 11.64 -29.62 -3.33
CA GLU A 62 12.95 -30.11 -3.72
C GLU A 62 13.64 -29.22 -4.74
N LYS A 63 12.86 -28.64 -5.67
CA LYS A 63 13.41 -27.75 -6.69
C LYS A 63 13.63 -26.34 -6.14
N PHE A 64 12.80 -25.99 -5.16
CA PHE A 64 12.88 -24.68 -4.55
C PHE A 64 13.93 -24.71 -3.45
N THR A 65 15.20 -24.70 -3.85
CA THR A 65 16.30 -24.73 -2.89
C THR A 65 16.66 -23.32 -2.46
N GLU A 66 17.70 -23.19 -1.66
CA GLU A 66 18.09 -21.88 -1.17
C GLU A 66 18.71 -21.04 -2.28
N GLY A 67 18.68 -19.73 -2.10
CA GLY A 67 19.25 -18.81 -3.08
C GLY A 67 18.45 -17.52 -3.22
N VAL A 68 18.89 -16.66 -4.13
CA VAL A 68 18.21 -15.39 -4.36
C VAL A 68 17.31 -15.55 -5.57
N TYR A 69 16.03 -15.27 -5.38
CA TYR A 69 15.03 -15.40 -6.44
C TYR A 69 14.53 -14.05 -6.92
N ARG A 70 14.01 -14.05 -8.13
CA ARG A 70 13.49 -12.83 -8.76
C ARG A 70 12.16 -13.14 -9.41
N VAL A 71 11.11 -12.54 -8.88
CA VAL A 71 9.77 -12.74 -9.40
C VAL A 71 9.37 -11.56 -10.22
N GLU A 72 9.20 -11.77 -11.52
CA GLU A 72 8.79 -10.69 -12.41
C GLU A 72 7.30 -10.81 -12.74
N LEU A 73 6.62 -9.68 -12.83
CA LEU A 73 5.20 -9.65 -13.11
C LEU A 73 4.88 -8.65 -14.20
N ASP A 74 4.50 -9.16 -15.37
CA ASP A 74 4.20 -8.28 -16.49
C ASP A 74 2.91 -7.50 -16.29
N THR A 75 2.99 -6.46 -15.49
CA THR A 75 1.85 -5.62 -15.18
C THR A 75 1.46 -4.71 -16.34
N LYS A 76 2.42 -4.44 -17.23
CA LYS A 76 2.20 -3.57 -18.37
C LYS A 76 1.16 -4.13 -19.33
N SER A 77 1.36 -5.39 -19.75
CA SER A 77 0.44 -6.02 -20.66
C SER A 77 -0.95 -6.06 -20.07
N TYR A 78 -1.00 -6.29 -18.76
CA TYR A 78 -2.27 -6.39 -18.05
C TYR A 78 -3.12 -5.16 -18.27
N TRP A 79 -2.54 -4.00 -18.01
CA TRP A 79 -3.23 -2.73 -18.17
C TRP A 79 -3.55 -2.34 -19.60
N LYS A 80 -2.59 -2.56 -20.52
CA LYS A 80 -2.76 -2.27 -21.95
C LYS A 80 -4.00 -2.95 -22.51
N ALA A 81 -4.07 -4.26 -22.31
CA ALA A 81 -5.21 -5.02 -22.78
C ALA A 81 -6.52 -4.33 -22.36
N LEU A 82 -6.54 -3.76 -21.16
CA LEU A 82 -7.73 -3.08 -20.63
C LEU A 82 -8.05 -1.74 -21.31
N GLY A 83 -7.02 -1.08 -21.82
CA GLY A 83 -7.19 0.21 -22.48
C GLY A 83 -6.54 1.31 -21.66
N ILE A 84 -5.90 0.92 -20.56
CA ILE A 84 -5.24 1.83 -19.65
C ILE A 84 -3.74 1.90 -19.93
N SER A 85 -3.15 3.07 -19.66
CA SER A 85 -1.71 3.28 -19.84
C SER A 85 -1.07 3.25 -18.47
N PRO A 86 -0.23 2.25 -18.19
CA PRO A 86 0.42 2.18 -16.88
C PRO A 86 1.79 2.85 -16.86
N PHE A 87 2.26 3.18 -15.67
CA PHE A 87 3.57 3.81 -15.49
C PHE A 87 4.74 2.84 -15.48
N HIS A 88 4.58 1.74 -14.77
CA HIS A 88 5.64 0.74 -14.65
C HIS A 88 5.64 -0.22 -15.83
N GLU A 89 6.81 -0.78 -16.12
CA GLU A 89 6.96 -1.75 -17.20
C GLU A 89 6.60 -3.13 -16.66
N TYR A 90 6.86 -3.33 -15.37
CA TYR A 90 6.59 -4.61 -14.73
C TYR A 90 6.95 -4.54 -13.25
N ALA A 91 6.31 -5.39 -12.45
CA ALA A 91 6.57 -5.43 -11.03
C ALA A 91 7.55 -6.54 -10.73
N GLU A 92 8.68 -6.18 -10.13
CA GLU A 92 9.71 -7.15 -9.83
C GLU A 92 9.97 -7.24 -8.33
N VAL A 93 10.12 -8.47 -7.86
CA VAL A 93 10.35 -8.74 -6.45
C VAL A 93 11.52 -9.70 -6.28
N VAL A 94 12.56 -9.20 -5.63
CA VAL A 94 13.79 -9.93 -5.37
C VAL A 94 13.94 -10.23 -3.87
N PHE A 95 14.13 -11.51 -3.55
CA PHE A 95 14.29 -11.94 -2.15
C PHE A 95 15.14 -13.21 -2.04
N THR A 96 15.67 -13.46 -0.85
CA THR A 96 16.47 -14.65 -0.60
C THR A 96 15.48 -15.68 -0.05
N ALA A 97 15.68 -16.94 -0.39
CA ALA A 97 14.77 -17.97 0.09
C ALA A 97 15.43 -19.17 0.76
N ASN A 98 14.66 -19.79 1.67
CA ASN A 98 15.08 -20.95 2.43
C ASN A 98 16.39 -20.78 3.17
N ASP A 99 16.75 -19.53 3.45
CA ASP A 99 17.97 -19.25 4.17
C ASP A 99 17.81 -19.64 5.65
N SER A 100 16.63 -19.34 6.21
CA SER A 100 16.31 -19.66 7.62
C SER A 100 16.26 -21.17 7.83
N GLY A 101 15.58 -21.86 6.91
CA GLY A 101 15.44 -23.30 6.97
C GLY A 101 14.71 -23.69 5.70
N HIS A 102 13.57 -24.36 5.83
CA HIS A 102 12.80 -24.71 4.65
C HIS A 102 11.32 -24.47 4.91
N ARG A 103 10.88 -23.28 4.50
CA ARG A 103 9.51 -22.84 4.70
C ARG A 103 8.70 -22.54 3.43
N HIS A 104 7.45 -22.12 3.65
CA HIS A 104 6.52 -21.78 2.57
C HIS A 104 6.39 -20.27 2.42
N TYR A 105 6.29 -19.82 1.17
CA TYR A 105 6.19 -18.40 0.85
C TYR A 105 4.93 -18.00 0.14
N THR A 106 4.63 -16.72 0.23
CA THR A 106 3.47 -16.16 -0.45
C THR A 106 3.76 -14.71 -0.76
N ILE A 107 3.71 -14.42 -2.05
CA ILE A 107 3.97 -13.10 -2.57
C ILE A 107 2.61 -12.54 -2.98
N ALA A 108 2.30 -11.35 -2.53
CA ALA A 108 1.05 -10.73 -2.89
C ALA A 108 1.34 -9.35 -3.45
N ALA A 109 0.75 -9.04 -4.59
CA ALA A 109 0.93 -7.76 -5.22
C ALA A 109 -0.44 -7.16 -5.46
N LEU A 110 -0.56 -5.84 -5.28
CA LEU A 110 -1.82 -5.13 -5.47
C LEU A 110 -1.62 -4.17 -6.61
N LEU A 111 -2.46 -4.27 -7.62
CA LEU A 111 -2.31 -3.44 -8.80
C LEU A 111 -3.16 -2.20 -9.00
N SER A 112 -2.47 -1.16 -9.47
CA SER A 112 -3.05 0.14 -9.80
C SER A 112 -2.17 0.71 -10.90
N PRO A 113 -2.76 1.38 -11.90
CA PRO A 113 -2.01 1.96 -13.02
C PRO A 113 -0.71 2.70 -12.67
N TYR A 114 -0.67 3.43 -11.56
CA TYR A 114 0.54 4.15 -11.21
C TYR A 114 1.24 3.77 -9.91
N SER A 115 0.77 2.73 -9.25
CA SER A 115 1.38 2.26 -8.01
C SER A 115 1.03 0.81 -7.72
N TYR A 116 1.84 0.16 -6.88
CA TYR A 116 1.61 -1.23 -6.52
C TYR A 116 2.35 -1.58 -5.24
N SER A 117 1.73 -2.45 -4.44
CA SER A 117 2.31 -2.89 -3.19
C SER A 117 2.58 -4.37 -3.33
N THR A 118 3.63 -4.84 -2.66
CA THR A 118 3.95 -6.26 -2.69
C THR A 118 4.15 -6.63 -1.24
N THR A 119 3.69 -7.82 -0.86
CA THR A 119 3.84 -8.26 0.51
C THR A 119 4.18 -9.73 0.57
N ALA A 120 5.03 -10.08 1.52
CA ALA A 120 5.41 -11.46 1.71
C ALA A 120 4.84 -11.92 3.03
N VAL A 121 4.33 -13.15 3.02
CA VAL A 121 3.78 -13.79 4.19
C VAL A 121 4.56 -15.10 4.19
N VAL A 122 5.66 -15.14 4.93
CA VAL A 122 6.49 -16.33 5.00
C VAL A 122 6.01 -17.14 6.19
N SER A 123 5.78 -18.42 5.98
CA SER A 123 5.29 -19.30 7.04
C SER A 123 6.08 -20.60 7.22
N ASN A 124 6.36 -20.94 8.47
CA ASN A 124 7.06 -22.17 8.81
C ASN A 124 5.97 -23.23 8.67
N PRO A 125 6.16 -24.22 7.78
CA PRO A 125 5.22 -25.32 7.53
C PRO A 125 5.22 -26.39 8.60
N GLN A 126 6.28 -26.41 9.41
CA GLN A 126 6.45 -27.38 10.50
C GLN A 126 6.30 -26.74 11.89
N ASN A 127 6.27 -25.39 11.92
CA ASN A 127 6.15 -24.56 13.14
C ASN A 127 7.46 -24.33 13.91
N GLU B 7 10.22 25.00 -7.12
CA GLU B 7 10.00 24.58 -8.54
C GLU B 7 10.77 23.30 -8.85
N SER B 8 10.21 22.50 -9.76
CA SER B 8 10.83 21.24 -10.16
C SER B 8 11.98 21.47 -11.14
N LYS B 9 13.18 21.63 -10.59
CA LYS B 9 14.41 21.86 -11.37
C LYS B 9 14.76 20.61 -12.18
N CYS B 10 14.82 19.48 -11.47
CA CYS B 10 15.15 18.19 -12.03
C CYS B 10 13.89 17.38 -12.32
N PRO B 11 13.93 16.54 -13.37
CA PRO B 11 12.81 15.69 -13.80
C PRO B 11 12.66 14.42 -12.95
N LEU B 12 13.71 14.05 -12.22
CA LEU B 12 13.66 12.85 -11.38
C LEU B 12 13.92 13.16 -9.92
N MET B 13 12.97 12.76 -9.08
CA MET B 13 13.05 13.01 -7.65
C MET B 13 12.48 11.79 -6.90
N VAL B 14 13.22 11.32 -5.90
CA VAL B 14 12.79 10.16 -5.13
C VAL B 14 12.49 10.45 -3.67
N LYS B 15 11.26 10.16 -3.27
CA LYS B 15 10.80 10.36 -1.90
C LYS B 15 10.56 8.99 -1.26
N VAL B 16 11.21 8.75 -0.13
CA VAL B 16 11.08 7.48 0.58
C VAL B 16 10.57 7.67 2.03
N LEU B 17 9.76 6.72 2.50
CA LEU B 17 9.21 6.74 3.85
C LEU B 17 9.36 5.40 4.54
N ASP B 18 9.13 5.41 5.86
CA ASP B 18 9.23 4.23 6.69
C ASP B 18 7.86 4.01 7.33
N ALA B 19 7.26 2.85 7.07
CA ALA B 19 5.93 2.53 7.62
C ALA B 19 5.90 2.08 9.08
N VAL B 20 7.06 1.66 9.59
CA VAL B 20 7.11 1.18 10.95
C VAL B 20 7.54 2.24 11.97
N ARG B 21 8.03 3.38 11.51
CA ARG B 21 8.45 4.41 12.45
C ARG B 21 7.82 5.79 12.29
N GLY B 22 7.01 5.97 11.26
CA GLY B 22 6.37 7.25 11.05
C GLY B 22 7.38 8.35 10.79
N SER B 23 8.36 8.03 9.98
CA SER B 23 9.40 8.98 9.66
C SER B 23 9.92 8.76 8.27
N PRO B 24 10.59 9.77 7.70
CA PRO B 24 11.13 9.60 6.34
C PRO B 24 12.36 8.70 6.44
N ALA B 25 12.52 7.81 5.47
CA ALA B 25 13.66 6.90 5.47
C ALA B 25 14.87 7.68 5.01
N VAL B 26 15.85 7.83 5.91
CA VAL B 26 17.06 8.59 5.61
C VAL B 26 18.28 7.77 5.19
N ASP B 27 19.09 8.37 4.33
CA ASP B 27 20.29 7.74 3.78
C ASP B 27 20.03 6.40 3.12
N VAL B 28 18.88 6.27 2.46
CA VAL B 28 18.55 5.04 1.75
C VAL B 28 19.33 5.14 0.44
N ALA B 29 19.92 4.04 0.01
CA ALA B 29 20.69 4.03 -1.21
C ALA B 29 19.82 3.92 -2.46
N VAL B 30 19.84 4.96 -3.29
CA VAL B 30 19.05 4.98 -4.51
C VAL B 30 20.01 5.04 -5.71
N LYS B 31 19.80 4.14 -6.69
CA LYS B 31 20.67 4.10 -7.86
C LYS B 31 19.90 3.85 -9.15
N VAL B 32 19.90 4.86 -10.02
CA VAL B 32 19.20 4.78 -11.30
C VAL B 32 20.12 4.24 -12.39
N PHE B 33 19.55 3.35 -13.20
CA PHE B 33 20.23 2.75 -14.33
C PHE B 33 19.36 3.08 -15.54
N LYS B 34 19.97 3.18 -16.72
CA LYS B 34 19.23 3.49 -17.93
C LYS B 34 19.47 2.38 -18.93
N LYS B 35 18.52 2.14 -19.83
CA LYS B 35 18.73 1.07 -20.80
C LYS B 35 19.51 1.53 -22.02
N THR B 36 20.51 0.74 -22.40
CA THR B 36 21.34 1.07 -23.55
C THR B 36 20.69 0.57 -24.84
N ALA B 37 21.21 1.05 -25.96
CA ALA B 37 20.71 0.69 -27.29
C ALA B 37 20.85 -0.80 -27.58
N ASP B 38 21.81 -1.45 -26.93
CA ASP B 38 22.03 -2.87 -27.15
C ASP B 38 21.30 -3.74 -26.12
N GLY B 39 20.65 -3.10 -25.16
CA GLY B 39 19.93 -3.83 -24.12
C GLY B 39 20.62 -3.93 -22.78
N SER B 40 21.67 -3.14 -22.59
CA SER B 40 22.41 -3.13 -21.32
C SER B 40 21.78 -2.11 -20.38
N TRP B 41 22.38 -1.97 -19.20
CA TRP B 41 21.92 -1.02 -18.20
C TRP B 41 23.12 -0.23 -17.69
N GLU B 42 23.36 0.93 -18.30
CA GLU B 42 24.46 1.77 -17.88
C GLU B 42 24.01 2.70 -16.75
N PRO B 43 24.86 2.91 -15.73
CA PRO B 43 24.51 3.78 -14.61
C PRO B 43 24.09 5.15 -15.12
N PHE B 44 23.11 5.76 -14.44
CA PHE B 44 22.62 7.07 -14.85
C PHE B 44 22.77 8.11 -13.74
N ALA B 45 22.55 7.67 -12.51
CA ALA B 45 22.67 8.54 -11.36
C ALA B 45 22.77 7.68 -10.11
N SER B 46 23.12 8.31 -9.00
CA SER B 46 23.28 7.63 -7.73
C SER B 46 23.10 8.66 -6.64
N GLY B 47 22.84 8.18 -5.43
CA GLY B 47 22.68 9.09 -4.33
C GLY B 47 21.95 8.41 -3.20
N LYS B 48 21.85 9.13 -2.09
CA LYS B 48 21.18 8.61 -0.92
C LYS B 48 20.18 9.66 -0.47
N THR B 49 19.08 9.20 0.11
CA THR B 49 18.05 10.10 0.59
C THR B 49 18.53 10.95 1.76
N ALA B 50 18.09 12.20 1.76
CA ALA B 50 18.45 13.15 2.82
C ALA B 50 17.73 12.84 4.13
N GLU B 51 17.62 13.85 4.99
CA GLU B 51 16.98 13.71 6.28
C GLU B 51 15.46 13.73 6.18
N SER B 52 14.95 14.22 5.05
CA SER B 52 13.52 14.32 4.84
C SER B 52 13.00 13.22 3.92
N GLY B 53 13.83 12.21 3.69
CA GLY B 53 13.45 11.10 2.84
C GLY B 53 13.57 11.37 1.35
N GLU B 54 13.78 12.64 1.00
CA GLU B 54 13.90 13.06 -0.40
C GLU B 54 15.31 13.07 -0.98
N LEU B 55 15.40 12.76 -2.25
CA LEU B 55 16.65 12.75 -3.00
C LEU B 55 16.38 13.43 -4.33
N HIS B 56 16.99 14.60 -4.53
CA HIS B 56 16.81 15.31 -5.77
C HIS B 56 18.15 15.73 -6.35
N GLY B 57 18.12 16.22 -7.59
CA GLY B 57 19.34 16.63 -8.26
C GLY B 57 20.06 15.41 -8.79
N LEU B 58 19.29 14.36 -9.06
CA LEU B 58 19.83 13.11 -9.59
C LEU B 58 20.15 13.31 -11.06
N THR B 59 19.28 14.06 -11.73
CA THR B 59 19.40 14.33 -13.14
C THR B 59 19.10 15.79 -13.45
N THR B 60 19.11 16.10 -14.73
CA THR B 60 18.82 17.43 -15.24
C THR B 60 18.08 17.24 -16.56
N ASP B 61 17.10 18.09 -16.83
CA ASP B 61 16.29 18.01 -18.06
C ASP B 61 17.15 17.65 -19.26
N GLU B 62 18.26 18.37 -19.41
CA GLU B 62 19.23 18.19 -20.49
C GLU B 62 19.70 16.73 -20.59
N LYS B 63 20.13 16.16 -19.46
CA LYS B 63 20.65 14.80 -19.38
C LYS B 63 19.60 13.68 -19.32
N PHE B 64 18.49 13.95 -18.64
CA PHE B 64 17.41 12.97 -18.49
C PHE B 64 16.54 12.97 -19.74
N THR B 65 16.95 12.19 -20.74
CA THR B 65 16.20 12.09 -21.99
C THR B 65 15.39 10.79 -22.10
N GLU B 66 14.66 10.64 -23.20
CA GLU B 66 13.84 9.46 -23.44
C GLU B 66 14.59 8.16 -23.19
N GLY B 67 13.85 7.13 -22.82
CA GLY B 67 14.44 5.83 -22.57
C GLY B 67 13.80 5.10 -21.42
N VAL B 68 14.21 3.84 -21.24
CA VAL B 68 13.72 3.00 -20.17
C VAL B 68 14.66 3.18 -18.98
N TYR B 69 14.10 3.50 -17.82
CA TYR B 69 14.88 3.72 -16.61
C TYR B 69 14.60 2.68 -15.55
N ARG B 70 15.52 2.55 -14.60
CA ARG B 70 15.38 1.60 -13.52
C ARG B 70 15.95 2.18 -12.25
N VAL B 71 15.07 2.63 -11.36
CA VAL B 71 15.49 3.19 -10.08
C VAL B 71 15.56 2.05 -9.07
N GLU B 72 16.66 1.97 -8.33
CA GLU B 72 16.84 0.92 -7.34
C GLU B 72 17.16 1.47 -5.96
N LEU B 73 16.43 1.00 -4.94
CA LEU B 73 16.62 1.45 -3.56
C LEU B 73 17.19 0.33 -2.70
N ASP B 74 18.28 0.59 -1.98
CA ASP B 74 18.81 -0.47 -1.13
C ASP B 74 18.03 -0.39 0.17
N THR B 75 16.87 -1.03 0.13
CA THR B 75 15.98 -1.09 1.27
C THR B 75 16.50 -2.06 2.30
N LYS B 76 17.24 -3.06 1.85
CA LYS B 76 17.78 -4.08 2.75
C LYS B 76 18.77 -3.54 3.75
N SER B 77 19.84 -2.92 3.26
CA SER B 77 20.84 -2.39 4.17
C SER B 77 20.28 -1.26 5.03
N TYR B 78 19.08 -0.80 4.70
CA TYR B 78 18.42 0.24 5.48
C TYR B 78 17.86 -0.40 6.75
N TRP B 79 17.05 -1.44 6.55
CA TRP B 79 16.41 -2.19 7.63
C TRP B 79 17.40 -2.84 8.58
N LYS B 80 18.51 -3.33 8.03
CA LYS B 80 19.53 -3.99 8.85
C LYS B 80 20.24 -3.06 9.81
N ALA B 81 20.34 -1.79 9.45
CA ALA B 81 20.97 -0.79 10.30
C ALA B 81 20.14 -0.61 11.56
N LEU B 82 18.88 -1.02 11.49
CA LEU B 82 17.95 -0.93 12.62
C LEU B 82 17.88 -2.27 13.36
N GLY B 83 18.72 -3.22 12.95
CA GLY B 83 18.72 -4.53 13.57
C GLY B 83 17.57 -5.39 13.10
N ILE B 84 16.96 -5.05 11.96
CA ILE B 84 15.83 -5.80 11.40
C ILE B 84 16.21 -6.57 10.14
N SER B 85 15.80 -7.84 10.05
CA SER B 85 16.10 -8.68 8.88
C SER B 85 14.92 -8.68 7.90
N PRO B 86 14.99 -7.85 6.84
CA PRO B 86 13.94 -7.73 5.84
C PRO B 86 13.87 -8.84 4.79
N PHE B 87 12.72 -8.89 4.12
CA PHE B 87 12.43 -9.87 3.08
C PHE B 87 13.08 -9.57 1.74
N HIS B 88 12.90 -8.35 1.26
CA HIS B 88 13.44 -7.95 -0.03
C HIS B 88 14.93 -7.65 0.01
N GLU B 89 15.61 -7.90 -1.12
CA GLU B 89 17.04 -7.60 -1.23
C GLU B 89 17.11 -6.12 -1.52
N TYR B 90 16.13 -5.66 -2.30
CA TYR B 90 15.98 -4.26 -2.69
C TYR B 90 14.61 -4.06 -3.33
N ALA B 91 14.27 -2.79 -3.54
CA ALA B 91 13.01 -2.44 -4.17
C ALA B 91 13.45 -1.88 -5.48
N GLU B 92 12.72 -2.19 -6.54
CA GLU B 92 13.08 -1.74 -7.87
C GLU B 92 11.88 -1.29 -8.70
N VAL B 93 11.97 -0.11 -9.28
CA VAL B 93 10.90 0.41 -10.14
C VAL B 93 11.49 0.69 -11.51
N VAL B 94 10.88 0.07 -12.53
CA VAL B 94 11.33 0.22 -13.91
C VAL B 94 10.25 0.92 -14.74
N PHE B 95 10.64 1.96 -15.45
CA PHE B 95 9.68 2.69 -16.24
C PHE B 95 10.24 3.31 -17.51
N THR B 96 9.34 3.60 -18.45
CA THR B 96 9.70 4.22 -19.71
C THR B 96 9.52 5.73 -19.56
N ALA B 97 10.63 6.43 -19.35
CA ALA B 97 10.59 7.87 -19.14
C ALA B 97 10.62 8.75 -20.38
N ASN B 98 9.97 9.91 -20.25
CA ASN B 98 9.89 10.93 -21.30
C ASN B 98 9.75 10.45 -22.74
N ASP B 99 8.88 9.47 -22.95
CA ASP B 99 8.64 8.96 -24.30
C ASP B 99 7.55 9.83 -24.94
N SER B 100 6.66 10.36 -24.11
CA SER B 100 5.56 11.22 -24.56
C SER B 100 5.98 12.69 -24.58
N GLY B 101 7.28 12.94 -24.43
CA GLY B 101 7.78 14.30 -24.41
C GLY B 101 8.35 14.60 -23.02
N HIS B 102 9.06 15.71 -22.89
CA HIS B 102 9.68 16.07 -21.62
C HIS B 102 8.72 16.38 -20.47
N ARG B 103 8.92 15.66 -19.35
CA ARG B 103 8.09 15.79 -18.15
C ARG B 103 8.95 15.78 -16.87
N HIS B 104 8.26 15.69 -15.73
CA HIS B 104 8.89 15.63 -14.42
C HIS B 104 8.27 14.44 -13.67
N TYR B 105 9.11 13.57 -13.14
CA TYR B 105 8.63 12.37 -12.45
C TYR B 105 9.04 12.26 -10.99
N THR B 106 8.10 11.83 -10.15
CA THR B 106 8.35 11.64 -8.73
C THR B 106 8.06 10.20 -8.33
N ILE B 107 9.06 9.55 -7.77
CA ILE B 107 8.93 8.18 -7.32
C ILE B 107 8.74 8.25 -5.82
N ALA B 108 7.68 7.65 -5.32
CA ALA B 108 7.46 7.65 -3.89
C ALA B 108 7.39 6.23 -3.36
N ALA B 109 8.22 5.95 -2.36
CA ALA B 109 8.29 4.63 -1.74
C ALA B 109 7.92 4.65 -0.26
N LEU B 110 7.22 3.60 0.15
CA LEU B 110 6.79 3.42 1.55
C LEU B 110 7.30 2.04 1.94
N LEU B 111 8.35 2.01 2.76
CA LEU B 111 8.99 0.77 3.18
C LEU B 111 8.56 0.16 4.50
N SER B 112 8.69 -1.16 4.55
CA SER B 112 8.37 -1.99 5.71
C SER B 112 9.16 -3.28 5.53
N PRO B 113 9.58 -3.90 6.63
CA PRO B 113 10.35 -5.14 6.61
C PRO B 113 9.84 -6.24 5.67
N TYR B 114 8.54 -6.32 5.44
CA TYR B 114 8.02 -7.36 4.54
C TYR B 114 7.06 -6.87 3.49
N SER B 115 7.14 -5.58 3.18
CA SER B 115 6.24 -5.02 2.21
C SER B 115 6.68 -3.62 1.82
N TYR B 116 6.14 -3.15 0.70
CA TYR B 116 6.42 -1.82 0.19
C TYR B 116 5.49 -1.49 -0.97
N SER B 117 5.16 -0.22 -1.14
CA SER B 117 4.34 0.22 -2.24
C SER B 117 5.12 1.35 -2.88
N THR B 118 5.03 1.47 -4.20
CA THR B 118 5.74 2.52 -4.92
C THR B 118 4.73 3.31 -5.72
N THR B 119 5.01 4.56 -6.05
CA THR B 119 4.04 5.36 -6.79
C THR B 119 4.66 6.41 -7.69
N ALA B 120 3.98 6.66 -8.80
CA ALA B 120 4.41 7.61 -9.78
C ALA B 120 3.52 8.84 -9.79
N VAL B 121 4.14 10.01 -9.78
CA VAL B 121 3.43 11.27 -9.85
C VAL B 121 4.06 12.01 -11.02
N VAL B 122 3.41 11.91 -12.18
CA VAL B 122 3.91 12.55 -13.39
C VAL B 122 3.42 13.97 -13.58
N SER B 123 4.26 14.93 -13.17
CA SER B 123 3.95 16.34 -13.28
C SER B 123 4.18 16.81 -14.72
N ASN B 124 3.24 17.60 -15.24
CA ASN B 124 3.37 18.14 -16.59
C ASN B 124 4.02 19.52 -16.49
N PRO B 125 5.01 19.80 -17.36
CA PRO B 125 5.74 21.08 -17.39
C PRO B 125 4.88 22.28 -17.75
N GLN B 126 5.29 23.44 -17.25
CA GLN B 126 4.58 24.70 -17.49
C GLN B 126 4.92 25.26 -18.87
N ASN B 127 3.89 25.71 -19.58
CA ASN B 127 4.02 26.29 -20.92
C ASN B 127 2.88 27.29 -21.18
N GLU C 7 -14.43 -18.77 -6.50
CA GLU C 7 -15.47 -17.87 -5.94
C GLU C 7 -15.54 -17.98 -4.42
N SER C 8 -15.75 -16.83 -3.76
CA SER C 8 -15.82 -16.77 -2.30
C SER C 8 -17.13 -17.35 -1.79
N LYS C 9 -17.03 -18.20 -0.78
CA LYS C 9 -18.19 -18.84 -0.17
C LYS C 9 -18.83 -17.98 0.92
N CYS C 10 -17.99 -17.39 1.77
CA CYS C 10 -18.44 -16.53 2.87
C CYS C 10 -18.84 -15.14 2.34
N PRO C 11 -20.07 -14.67 2.68
CA PRO C 11 -20.58 -13.36 2.26
C PRO C 11 -19.60 -12.23 2.55
N LEU C 12 -19.14 -12.12 3.79
CA LEU C 12 -18.21 -11.07 4.19
C LEU C 12 -17.06 -11.65 5.00
N MET C 13 -15.86 -11.56 4.46
CA MET C 13 -14.72 -12.10 5.16
C MET C 13 -13.61 -11.08 5.33
N VAL C 14 -12.92 -11.14 6.45
CA VAL C 14 -11.85 -10.20 6.75
C VAL C 14 -10.52 -10.90 6.95
N LYS C 15 -9.49 -10.37 6.31
CA LYS C 15 -8.14 -10.92 6.39
C LYS C 15 -7.18 -9.81 6.79
N VAL C 16 -6.33 -10.09 7.78
CA VAL C 16 -5.39 -9.09 8.24
C VAL C 16 -3.95 -9.62 8.18
N LEU C 17 -3.02 -8.76 7.74
CA LEU C 17 -1.62 -9.12 7.63
C LEU C 17 -0.71 -8.15 8.35
N ASP C 18 0.46 -8.65 8.76
CA ASP C 18 1.48 -7.89 9.47
C ASP C 18 2.66 -7.65 8.52
N ALA C 19 2.84 -6.40 8.11
CA ALA C 19 3.93 -6.03 7.20
C ALA C 19 5.30 -6.03 7.84
N VAL C 20 5.33 -6.11 9.16
CA VAL C 20 6.58 -6.11 9.91
C VAL C 20 7.17 -7.50 10.04
N ARG C 21 6.37 -8.46 10.50
CA ARG C 21 6.82 -9.83 10.66
C ARG C 21 6.62 -10.62 9.38
N GLY C 22 5.90 -10.04 8.44
CA GLY C 22 5.63 -10.75 7.21
C GLY C 22 4.84 -11.98 7.54
N SER C 23 3.76 -11.81 8.27
CA SER C 23 2.91 -12.94 8.67
C SER C 23 1.45 -12.54 8.87
N PRO C 24 0.56 -13.52 9.11
CA PRO C 24 -0.85 -13.24 9.34
C PRO C 24 -0.99 -12.46 10.63
N ALA C 25 -1.95 -11.53 10.69
CA ALA C 25 -2.17 -10.75 11.91
C ALA C 25 -3.20 -11.54 12.70
N VAL C 26 -2.71 -12.26 13.70
CA VAL C 26 -3.55 -13.13 14.55
C VAL C 26 -4.17 -12.47 15.78
N ASP C 27 -5.39 -12.89 16.10
CA ASP C 27 -6.14 -12.41 17.26
C ASP C 27 -6.58 -10.96 17.22
N VAL C 28 -6.61 -10.38 16.03
CA VAL C 28 -7.04 -9.01 15.86
C VAL C 28 -8.56 -9.02 16.01
N ALA C 29 -9.07 -8.15 16.88
CA ALA C 29 -10.50 -8.05 17.10
C ALA C 29 -11.18 -7.25 15.99
N VAL C 30 -12.30 -7.78 15.51
CA VAL C 30 -13.07 -7.14 14.45
C VAL C 30 -14.54 -7.02 14.84
N LYS C 31 -15.05 -5.79 14.85
CA LYS C 31 -16.45 -5.55 15.16
C LYS C 31 -17.06 -4.95 13.90
N VAL C 32 -18.25 -5.41 13.54
CA VAL C 32 -18.93 -4.87 12.37
C VAL C 32 -20.24 -4.24 12.83
N PHE C 33 -20.60 -3.13 12.20
CA PHE C 33 -21.82 -2.42 12.53
C PHE C 33 -22.59 -2.08 11.25
N LYS C 34 -23.90 -1.91 11.40
CA LYS C 34 -24.78 -1.57 10.29
C LYS C 34 -25.44 -0.26 10.69
N LYS C 35 -25.55 0.67 9.73
CA LYS C 35 -26.17 1.96 10.00
C LYS C 35 -27.69 1.79 10.03
N THR C 36 -28.35 2.48 10.94
CA THR C 36 -29.80 2.38 11.04
C THR C 36 -30.44 3.50 10.23
N ALA C 37 -31.73 3.37 9.93
CA ALA C 37 -32.47 4.36 9.14
C ALA C 37 -32.48 5.78 9.74
N ASP C 38 -31.99 5.91 10.97
CA ASP C 38 -31.95 7.20 11.65
C ASP C 38 -30.54 7.66 12.01
N GLY C 39 -29.57 7.23 11.21
CA GLY C 39 -28.17 7.61 11.43
C GLY C 39 -27.40 6.70 12.37
N SER C 40 -28.12 6.11 13.32
CA SER C 40 -27.57 5.20 14.34
C SER C 40 -26.61 4.13 13.78
N TRP C 41 -25.79 3.54 14.66
CA TRP C 41 -24.82 2.51 14.30
C TRP C 41 -25.01 1.26 15.16
N GLU C 42 -25.93 0.40 14.79
CA GLU C 42 -26.18 -0.82 15.54
C GLU C 42 -25.13 -1.92 15.28
N PRO C 43 -24.80 -2.72 16.30
CA PRO C 43 -23.83 -3.82 16.20
C PRO C 43 -24.37 -4.94 15.35
N PHE C 44 -23.57 -5.38 14.38
CA PHE C 44 -23.97 -6.43 13.45
C PHE C 44 -23.33 -7.79 13.74
N ALA C 45 -22.01 -7.79 13.90
CA ALA C 45 -21.23 -9.00 14.17
C ALA C 45 -19.82 -8.68 14.62
N SER C 46 -19.20 -9.64 15.32
CA SER C 46 -17.84 -9.48 15.82
C SER C 46 -17.10 -10.81 15.96
N GLY C 47 -15.77 -10.72 16.04
CA GLY C 47 -14.92 -11.89 16.17
C GLY C 47 -13.45 -11.48 16.14
N LYS C 48 -12.56 -12.45 16.13
CA LYS C 48 -11.12 -12.19 16.09
C LYS C 48 -10.52 -13.10 15.06
N THR C 49 -9.53 -12.59 14.34
CA THR C 49 -8.83 -13.31 13.31
C THR C 49 -8.11 -14.56 13.85
N ALA C 50 -8.27 -15.66 13.12
CA ALA C 50 -7.67 -16.94 13.46
C ALA C 50 -6.16 -16.97 13.19
N GLU C 51 -5.57 -18.16 13.19
CA GLU C 51 -4.13 -18.34 12.94
C GLU C 51 -3.76 -17.98 11.50
N SER C 52 -4.76 -17.96 10.63
CA SER C 52 -4.56 -17.65 9.21
C SER C 52 -4.66 -16.17 8.92
N GLY C 53 -4.99 -15.39 9.95
CA GLY C 53 -5.12 -13.95 9.79
C GLY C 53 -6.48 -13.53 9.29
N GLU C 54 -7.27 -14.49 8.78
CA GLU C 54 -8.61 -14.22 8.28
C GLU C 54 -9.69 -14.63 9.29
N LEU C 55 -10.85 -13.98 9.20
CA LEU C 55 -11.97 -14.21 10.11
C LEU C 55 -13.20 -14.78 9.40
N HIS C 56 -13.68 -15.92 9.88
CA HIS C 56 -14.84 -16.59 9.28
C HIS C 56 -16.11 -16.69 10.16
N GLY C 57 -17.26 -16.54 9.52
CA GLY C 57 -18.53 -16.66 10.22
C GLY C 57 -19.23 -15.37 10.62
N LEU C 58 -18.87 -14.27 9.97
CA LEU C 58 -19.49 -12.99 10.29
C LEU C 58 -20.98 -12.93 10.07
N THR C 59 -21.45 -13.35 8.91
CA THR C 59 -22.88 -13.31 8.61
C THR C 59 -23.24 -14.21 7.43
N THR C 60 -24.52 -14.54 7.32
CA THR C 60 -25.02 -15.34 6.20
C THR C 60 -25.52 -14.33 5.19
N ASP C 61 -25.98 -14.81 4.05
CA ASP C 61 -26.49 -13.93 3.02
C ASP C 61 -27.85 -13.33 3.40
N GLU C 62 -28.64 -14.11 4.12
CA GLU C 62 -29.96 -13.70 4.57
C GLU C 62 -29.91 -12.50 5.52
N LYS C 63 -28.91 -12.50 6.38
CA LYS C 63 -28.70 -11.47 7.38
C LYS C 63 -28.01 -10.22 6.80
N PHE C 64 -27.16 -10.45 5.79
CA PHE C 64 -26.38 -9.41 5.11
C PHE C 64 -27.21 -8.62 4.11
N THR C 65 -28.16 -7.84 4.60
CA THR C 65 -29.04 -7.03 3.76
C THR C 65 -28.33 -5.80 3.21
N GLU C 66 -29.02 -5.09 2.33
CA GLU C 66 -28.50 -3.88 1.73
C GLU C 66 -28.41 -2.77 2.76
N GLY C 67 -27.31 -2.02 2.73
CA GLY C 67 -27.11 -0.93 3.67
C GLY C 67 -25.64 -0.62 3.86
N VAL C 68 -25.37 0.41 4.65
CA VAL C 68 -23.99 0.80 4.91
C VAL C 68 -23.49 -0.03 6.07
N TYR C 69 -22.25 -0.47 5.97
CA TYR C 69 -21.62 -1.29 7.00
C TYR C 69 -20.24 -0.72 7.31
N ARG C 70 -19.78 -0.90 8.54
CA ARG C 70 -18.45 -0.45 8.91
C ARG C 70 -17.71 -1.55 9.65
N VAL C 71 -16.52 -1.86 9.15
CA VAL C 71 -15.66 -2.88 9.75
C VAL C 71 -14.60 -2.17 10.59
N GLU C 72 -14.66 -2.40 11.90
CA GLU C 72 -13.72 -1.78 12.83
C GLU C 72 -12.68 -2.80 13.31
N LEU C 73 -11.41 -2.49 13.10
CA LEU C 73 -10.32 -3.38 13.51
C LEU C 73 -9.51 -2.71 14.60
N ASP C 74 -9.47 -3.33 15.76
CA ASP C 74 -8.72 -2.78 16.87
C ASP C 74 -7.23 -3.02 16.65
N THR C 75 -6.65 -2.26 15.73
CA THR C 75 -5.24 -2.36 15.39
C THR C 75 -4.34 -1.90 16.53
N LYS C 76 -4.85 -0.99 17.36
CA LYS C 76 -4.06 -0.48 18.47
C LYS C 76 -3.67 -1.59 19.44
N SER C 77 -4.65 -2.41 19.84
CA SER C 77 -4.38 -3.52 20.75
C SER C 77 -3.36 -4.50 20.20
N TYR C 78 -3.47 -4.84 18.93
CA TYR C 78 -2.52 -5.76 18.30
C TYR C 78 -1.07 -5.30 18.54
N TRP C 79 -0.77 -4.04 18.25
CA TRP C 79 0.58 -3.51 18.44
C TRP C 79 1.04 -3.38 19.88
N LYS C 80 0.15 -2.94 20.77
CA LYS C 80 0.52 -2.78 22.18
C LYS C 80 0.92 -4.11 22.79
N ALA C 81 0.19 -5.16 22.43
CA ALA C 81 0.48 -6.49 22.95
C ALA C 81 1.91 -6.86 22.56
N LEU C 82 2.37 -6.32 21.43
CA LEU C 82 3.73 -6.56 20.95
C LEU C 82 4.79 -5.61 21.53
N GLY C 83 4.35 -4.65 22.35
CA GLY C 83 5.25 -3.70 22.97
C GLY C 83 5.59 -2.51 22.11
N ILE C 84 4.78 -2.29 21.07
CA ILE C 84 4.96 -1.20 20.14
C ILE C 84 3.82 -0.22 20.33
N SER C 85 4.11 1.07 20.19
CA SER C 85 3.11 2.12 20.34
C SER C 85 2.71 2.59 18.94
N PRO C 86 1.46 2.29 18.52
CA PRO C 86 0.94 2.67 17.21
C PRO C 86 0.44 4.11 17.07
N PHE C 87 0.31 4.55 15.82
CA PHE C 87 -0.15 5.90 15.53
C PHE C 87 -1.67 6.00 15.57
N HIS C 88 -2.33 5.08 14.89
CA HIS C 88 -3.79 5.06 14.81
C HIS C 88 -4.45 4.46 16.05
N GLU C 89 -5.73 4.75 16.22
CA GLU C 89 -6.50 4.23 17.34
C GLU C 89 -7.15 2.91 16.94
N TYR C 90 -7.46 2.82 15.65
CA TYR C 90 -8.08 1.65 15.05
C TYR C 90 -8.15 1.93 13.57
N ALA C 91 -8.68 0.98 12.82
CA ALA C 91 -8.85 1.15 11.40
C ALA C 91 -10.29 0.81 11.05
N GLU C 92 -10.92 1.71 10.29
CA GLU C 92 -12.29 1.52 9.85
C GLU C 92 -12.37 1.49 8.34
N VAL C 93 -13.21 0.59 7.85
CA VAL C 93 -13.47 0.47 6.43
C VAL C 93 -14.98 0.54 6.40
N VAL C 94 -15.50 1.60 5.78
CA VAL C 94 -16.94 1.84 5.70
C VAL C 94 -17.40 1.78 4.25
N PHE C 95 -18.21 0.77 3.92
CA PHE C 95 -18.69 0.59 2.55
C PHE C 95 -20.19 0.31 2.52
N THR C 96 -20.76 0.43 1.32
CA THR C 96 -22.18 0.15 1.11
C THR C 96 -22.25 -1.24 0.52
N ALA C 97 -23.12 -2.09 1.06
CA ALA C 97 -23.23 -3.45 0.58
C ALA C 97 -24.59 -3.87 0.00
N ASN C 98 -24.52 -4.76 -0.99
CA ASN C 98 -25.67 -5.35 -1.67
C ASN C 98 -26.75 -4.45 -2.27
N ASP C 99 -26.33 -3.34 -2.87
CA ASP C 99 -27.24 -2.39 -3.51
C ASP C 99 -27.38 -2.69 -5.00
N SER C 100 -26.28 -3.07 -5.63
CA SER C 100 -26.26 -3.38 -7.06
C SER C 100 -26.54 -4.87 -7.28
N GLY C 101 -26.90 -5.55 -6.20
CA GLY C 101 -27.18 -6.98 -6.24
C GLY C 101 -26.43 -7.61 -5.07
N HIS C 102 -26.82 -8.82 -4.67
CA HIS C 102 -26.17 -9.50 -3.55
C HIS C 102 -24.80 -10.04 -3.95
N ARG C 103 -23.76 -9.61 -3.26
CA ARG C 103 -22.40 -10.05 -3.55
C ARG C 103 -21.69 -10.62 -2.34
N HIS C 104 -20.51 -11.19 -2.58
CA HIS C 104 -19.64 -11.74 -1.52
C HIS C 104 -18.41 -10.84 -1.49
N TYR C 105 -18.09 -10.32 -0.31
CA TYR C 105 -16.97 -9.40 -0.12
C TYR C 105 -15.78 -9.99 0.61
N THR C 106 -14.69 -9.23 0.63
CA THR C 106 -13.46 -9.61 1.30
C THR C 106 -12.68 -8.33 1.50
N ILE C 107 -12.61 -7.90 2.76
CA ILE C 107 -11.88 -6.70 3.12
C ILE C 107 -10.54 -7.18 3.63
N ALA C 108 -9.46 -6.71 3.00
CA ALA C 108 -8.13 -7.11 3.41
C ALA C 108 -7.38 -5.88 3.90
N ALA C 109 -6.64 -6.05 4.99
CA ALA C 109 -5.90 -4.95 5.56
C ALA C 109 -4.45 -5.32 5.88
N LEU C 110 -3.51 -4.54 5.35
CA LEU C 110 -2.08 -4.75 5.59
C LEU C 110 -1.71 -3.78 6.69
N LEU C 111 -1.02 -4.23 7.73
CA LEU C 111 -0.69 -3.34 8.83
C LEU C 111 0.76 -3.03 9.12
N SER C 112 0.97 -1.84 9.67
CA SER C 112 2.27 -1.33 10.07
C SER C 112 1.98 -0.31 11.15
N PRO C 113 2.88 -0.17 12.13
CA PRO C 113 2.70 0.80 13.24
C PRO C 113 2.21 2.18 12.83
N TYR C 114 2.66 2.69 11.69
CA TYR C 114 2.27 4.02 11.23
C TYR C 114 1.48 4.09 9.96
N SER C 115 1.21 2.93 9.37
CA SER C 115 0.49 2.88 8.11
C SER C 115 -0.39 1.64 8.01
N TYR C 116 -1.38 1.75 7.15
CA TYR C 116 -2.27 0.66 6.86
C TYR C 116 -2.95 0.95 5.54
N SER C 117 -3.01 -0.09 4.73
CA SER C 117 -3.67 -0.02 3.46
C SER C 117 -4.74 -1.09 3.55
N THR C 118 -5.81 -0.92 2.79
CA THR C 118 -6.90 -1.88 2.81
C THR C 118 -7.49 -1.95 1.43
N THR C 119 -7.77 -3.16 0.98
CA THR C 119 -8.36 -3.37 -0.33
C THR C 119 -9.67 -4.16 -0.17
N ALA C 120 -10.54 -4.09 -1.18
CA ALA C 120 -11.81 -4.81 -1.20
C ALA C 120 -11.88 -5.71 -2.42
N VAL C 121 -12.53 -6.85 -2.26
CA VAL C 121 -12.68 -7.81 -3.34
C VAL C 121 -14.11 -8.29 -3.33
N VAL C 122 -14.88 -7.72 -4.24
CA VAL C 122 -16.28 -8.05 -4.39
C VAL C 122 -16.35 -9.01 -5.55
N SER C 123 -17.26 -9.98 -5.46
CA SER C 123 -17.43 -10.97 -6.51
C SER C 123 -18.86 -11.49 -6.46
N ASN C 124 -19.43 -11.72 -7.64
CA ASN C 124 -20.80 -12.21 -7.71
C ASN C 124 -20.88 -13.64 -7.15
N PRO C 125 -21.79 -13.86 -6.18
CA PRO C 125 -21.98 -15.17 -5.53
C PRO C 125 -22.29 -16.32 -6.48
N GLN C 126 -21.75 -17.49 -6.13
CA GLN C 126 -21.91 -18.73 -6.90
C GLN C 126 -23.36 -19.05 -7.28
N ASN C 127 -23.58 -19.25 -8.58
CA ASN C 127 -24.91 -19.56 -9.11
C ASN C 127 -24.86 -20.51 -10.32
N SER D 8 6.48 23.52 7.89
CA SER D 8 6.84 24.87 8.39
C SER D 8 5.98 25.24 9.61
N LYS D 9 5.10 26.22 9.45
CA LYS D 9 4.22 26.69 10.52
C LYS D 9 3.01 25.75 10.67
N CYS D 10 2.82 24.88 9.69
CA CYS D 10 1.71 23.93 9.69
C CYS D 10 1.98 22.64 10.49
N PRO D 11 1.26 22.48 11.61
CA PRO D 11 1.36 21.32 12.51
C PRO D 11 0.74 20.09 11.86
N LEU D 12 -0.51 20.25 11.45
CA LEU D 12 -1.27 19.20 10.79
C LEU D 12 -1.39 19.50 9.29
N MET D 13 -1.00 18.53 8.48
CA MET D 13 -1.07 18.66 7.03
C MET D 13 -1.45 17.30 6.43
N VAL D 14 -2.29 17.35 5.40
CA VAL D 14 -2.76 16.15 4.74
C VAL D 14 -2.36 16.17 3.27
N LYS D 15 -1.85 15.06 2.77
CA LYS D 15 -1.45 14.94 1.36
C LYS D 15 -2.16 13.76 0.73
N VAL D 16 -2.92 14.02 -0.33
CA VAL D 16 -3.68 12.98 -1.02
C VAL D 16 -3.19 12.77 -2.46
N LEU D 17 -3.10 11.51 -2.88
CA LEU D 17 -2.65 11.15 -4.21
C LEU D 17 -3.60 10.19 -4.91
N ASP D 18 -3.73 10.39 -6.21
CA ASP D 18 -4.56 9.55 -7.07
C ASP D 18 -3.62 8.52 -7.72
N ALA D 19 -3.89 7.24 -7.49
CA ALA D 19 -3.09 6.14 -8.04
C ALA D 19 -3.52 5.67 -9.42
N VAL D 20 -4.71 6.08 -9.85
CA VAL D 20 -5.23 5.70 -11.15
C VAL D 20 -4.70 6.68 -12.19
N ARG D 21 -4.86 7.98 -11.91
CA ARG D 21 -4.38 9.04 -12.80
C ARG D 21 -2.89 9.35 -12.59
N GLY D 22 -2.33 8.92 -11.47
CA GLY D 22 -0.91 9.17 -11.23
C GLY D 22 -0.58 10.64 -11.06
N SER D 23 -1.42 11.33 -10.29
CA SER D 23 -1.26 12.76 -10.04
C SER D 23 -1.91 13.07 -8.69
N PRO D 24 -1.63 14.25 -8.12
CA PRO D 24 -2.18 14.66 -6.83
C PRO D 24 -3.70 14.58 -6.87
N ALA D 25 -4.32 14.19 -5.77
CA ALA D 25 -5.78 14.11 -5.74
C ALA D 25 -6.32 15.48 -5.36
N VAL D 26 -6.92 16.16 -6.34
CA VAL D 26 -7.48 17.49 -6.17
C VAL D 26 -8.96 17.53 -5.77
N ASP D 27 -9.34 18.63 -5.13
CA ASP D 27 -10.72 18.86 -4.68
C ASP D 27 -11.31 17.78 -3.81
N VAL D 28 -10.46 17.14 -3.01
CA VAL D 28 -10.90 16.10 -2.09
C VAL D 28 -11.22 16.82 -0.79
N ALA D 29 -12.50 16.79 -0.42
CA ALA D 29 -12.95 17.43 0.82
C ALA D 29 -12.38 16.70 2.02
N VAL D 30 -11.88 17.47 2.98
CA VAL D 30 -11.28 16.94 4.20
C VAL D 30 -11.84 17.70 5.39
N LYS D 31 -12.33 16.97 6.38
CA LYS D 31 -12.87 17.61 7.56
C LYS D 31 -12.17 17.02 8.77
N VAL D 32 -11.59 17.88 9.58
CA VAL D 32 -10.90 17.41 10.76
C VAL D 32 -11.72 17.70 12.01
N PHE D 33 -11.83 16.68 12.86
CA PHE D 33 -12.59 16.77 14.10
C PHE D 33 -11.66 16.53 15.29
N LYS D 34 -12.01 17.10 16.44
CA LYS D 34 -11.25 16.91 17.66
C LYS D 34 -12.21 16.28 18.67
N LYS D 35 -11.71 15.37 19.49
CA LYS D 35 -12.56 14.73 20.49
C LYS D 35 -12.60 15.62 21.72
N THR D 36 -13.80 16.00 22.15
CA THR D 36 -13.97 16.85 23.32
C THR D 36 -13.95 16.05 24.62
N ALA D 37 -13.61 16.71 25.72
CA ALA D 37 -13.56 16.08 27.03
C ALA D 37 -14.92 15.47 27.33
N ASP D 38 -15.94 16.06 26.69
CA ASP D 38 -17.32 15.62 26.80
C ASP D 38 -17.41 14.20 26.25
N GLY D 39 -16.55 13.89 25.28
CA GLY D 39 -16.53 12.57 24.67
C GLY D 39 -17.21 12.55 23.32
N SER D 40 -17.41 13.74 22.75
CA SER D 40 -18.06 13.87 21.44
C SER D 40 -17.14 14.60 20.47
N TRP D 41 -17.28 14.30 19.18
CA TRP D 41 -16.47 14.93 18.14
C TRP D 41 -16.93 16.32 17.75
N GLU D 42 -16.14 17.32 18.11
CA GLU D 42 -16.45 18.70 17.79
C GLU D 42 -15.69 19.08 16.53
N PRO D 43 -16.37 19.70 15.55
CA PRO D 43 -15.75 20.11 14.28
C PRO D 43 -14.47 20.90 14.54
N PHE D 44 -13.35 20.38 14.06
CA PHE D 44 -12.07 21.05 14.30
C PHE D 44 -11.48 21.86 13.14
N ALA D 45 -11.52 21.31 11.95
CA ALA D 45 -10.96 21.97 10.78
C ALA D 45 -11.67 21.47 9.55
N SER D 46 -11.49 22.15 8.42
CA SER D 46 -12.16 21.74 7.21
C SER D 46 -11.54 22.39 5.99
N GLY D 47 -11.58 21.69 4.86
CA GLY D 47 -11.00 22.23 3.65
C GLY D 47 -10.95 21.17 2.58
N LYS D 48 -10.41 21.53 1.42
CA LYS D 48 -10.29 20.59 0.31
C LYS D 48 -8.91 20.66 -0.30
N THR D 49 -8.41 19.52 -0.75
CA THR D 49 -7.09 19.44 -1.34
C THR D 49 -6.88 20.38 -2.51
N ALA D 50 -5.78 21.15 -2.46
CA ALA D 50 -5.43 22.08 -3.54
C ALA D 50 -4.90 21.30 -4.74
N GLU D 51 -4.29 22.02 -5.70
CA GLU D 51 -3.75 21.38 -6.90
C GLU D 51 -2.61 20.43 -6.58
N SER D 52 -1.75 20.86 -5.65
CA SER D 52 -0.60 20.07 -5.21
C SER D 52 -1.03 18.78 -4.53
N GLY D 53 -2.31 18.64 -4.25
CA GLY D 53 -2.82 17.45 -3.59
C GLY D 53 -2.83 17.58 -2.09
N GLU D 54 -2.18 18.60 -1.58
CA GLU D 54 -2.12 18.79 -0.14
C GLU D 54 -3.04 19.88 0.38
N LEU D 55 -3.22 19.88 1.69
CA LEU D 55 -4.05 20.85 2.38
C LEU D 55 -3.08 21.57 3.31
N HIS D 56 -2.56 22.69 2.82
CA HIS D 56 -1.62 23.51 3.56
C HIS D 56 -2.33 24.57 4.39
N GLY D 57 -2.25 24.43 5.71
CA GLY D 57 -2.87 25.38 6.60
C GLY D 57 -4.22 24.95 7.16
N LEU D 58 -4.22 23.89 7.93
CA LEU D 58 -5.45 23.38 8.55
C LEU D 58 -5.66 24.03 9.92
N THR D 59 -4.58 24.13 10.68
CA THR D 59 -4.63 24.70 12.02
C THR D 59 -3.28 25.35 12.36
N THR D 60 -3.15 25.80 13.61
CA THR D 60 -1.93 26.46 14.08
C THR D 60 -1.32 25.75 15.29
N ASP D 61 -0.05 26.03 15.57
CA ASP D 61 0.66 25.44 16.69
C ASP D 61 0.05 25.82 18.03
N GLU D 62 -0.85 26.80 18.01
CA GLU D 62 -1.52 27.27 19.21
C GLU D 62 -2.82 26.50 19.44
N LYS D 63 -3.67 26.46 18.42
CA LYS D 63 -4.96 25.78 18.51
C LYS D 63 -4.83 24.26 18.43
N PHE D 64 -3.70 23.78 17.94
CA PHE D 64 -3.47 22.35 17.82
C PHE D 64 -2.99 21.78 19.15
N THR D 65 -3.91 21.62 20.09
CA THR D 65 -3.58 21.07 21.40
C THR D 65 -3.57 19.55 21.39
N GLU D 66 -3.22 18.95 22.52
CA GLU D 66 -3.14 17.51 22.66
C GLU D 66 -4.52 16.83 22.72
N GLY D 67 -4.57 15.62 22.19
CA GLY D 67 -5.82 14.87 22.20
C GLY D 67 -6.04 14.04 20.97
N VAL D 68 -7.19 13.39 20.93
CA VAL D 68 -7.56 12.54 19.81
C VAL D 68 -8.09 13.37 18.65
N TYR D 69 -7.71 12.96 17.45
CA TYR D 69 -8.15 13.66 16.26
C TYR D 69 -8.60 12.68 15.20
N ARG D 70 -9.76 12.99 14.63
CA ARG D 70 -10.39 12.20 13.59
C ARG D 70 -10.28 12.99 12.29
N VAL D 71 -9.69 12.38 11.27
CA VAL D 71 -9.53 13.00 9.97
C VAL D 71 -10.43 12.26 8.99
N GLU D 72 -11.25 13.01 8.26
CA GLU D 72 -12.17 12.43 7.30
C GLU D 72 -11.91 12.86 5.87
N LEU D 73 -11.72 11.88 5.00
CA LEU D 73 -11.48 12.14 3.58
C LEU D 73 -12.68 11.64 2.80
N ASP D 74 -13.26 12.51 1.98
CA ASP D 74 -14.42 12.10 1.21
C ASP D 74 -14.05 11.63 -0.19
N THR D 75 -13.56 10.39 -0.25
CA THR D 75 -13.14 9.78 -1.48
C THR D 75 -14.35 9.44 -2.35
N LYS D 76 -15.49 9.18 -1.71
CA LYS D 76 -16.68 8.80 -2.46
C LYS D 76 -17.09 9.89 -3.45
N SER D 77 -17.16 11.14 -3.00
CA SER D 77 -17.52 12.24 -3.88
C SER D 77 -16.43 12.44 -4.90
N TYR D 78 -15.19 12.25 -4.47
CA TYR D 78 -14.03 12.37 -5.34
C TYR D 78 -14.11 11.44 -6.56
N TRP D 79 -14.29 10.15 -6.31
CA TRP D 79 -14.35 9.18 -7.39
C TRP D 79 -15.59 9.33 -8.25
N LYS D 80 -16.71 9.67 -7.62
CA LYS D 80 -17.97 9.81 -8.34
C LYS D 80 -18.00 10.94 -9.37
N ALA D 81 -17.36 12.06 -9.06
CA ALA D 81 -17.31 13.18 -9.99
C ALA D 81 -16.70 12.71 -11.32
N LEU D 82 -15.69 11.85 -11.22
CA LEU D 82 -15.00 11.31 -12.39
C LEU D 82 -15.79 10.16 -13.04
N GLY D 83 -16.96 9.84 -12.47
CA GLY D 83 -17.78 8.78 -13.02
C GLY D 83 -17.27 7.39 -12.70
N ILE D 84 -16.68 7.27 -11.52
CA ILE D 84 -16.18 5.99 -11.10
C ILE D 84 -16.92 5.72 -9.82
N SER D 85 -17.59 4.57 -9.78
CA SER D 85 -18.33 4.15 -8.61
C SER D 85 -17.27 3.47 -7.74
N PRO D 86 -16.96 4.04 -6.56
CA PRO D 86 -15.96 3.47 -5.66
C PRO D 86 -16.55 2.48 -4.67
N PHE D 87 -15.69 1.96 -3.81
CA PHE D 87 -16.06 1.00 -2.80
C PHE D 87 -16.48 1.63 -1.47
N HIS D 88 -15.51 2.19 -0.75
CA HIS D 88 -15.73 2.80 0.56
C HIS D 88 -16.52 4.09 0.46
N GLU D 89 -17.25 4.38 1.53
CA GLU D 89 -18.05 5.59 1.65
C GLU D 89 -17.13 6.79 1.87
N TYR D 90 -15.95 6.53 2.45
CA TYR D 90 -14.95 7.55 2.73
C TYR D 90 -13.76 6.88 3.37
N ALA D 91 -12.71 7.67 3.61
CA ALA D 91 -11.49 7.19 4.25
C ALA D 91 -11.32 8.06 5.49
N GLU D 92 -11.21 7.38 6.63
CA GLU D 92 -11.09 8.05 7.91
C GLU D 92 -9.82 7.64 8.64
N VAL D 93 -9.23 8.58 9.37
CA VAL D 93 -8.00 8.35 10.11
C VAL D 93 -8.10 8.97 11.49
N VAL D 94 -7.97 8.13 12.51
CA VAL D 94 -8.06 8.56 13.89
C VAL D 94 -6.78 8.26 14.65
N PHE D 95 -6.24 9.29 15.32
CA PHE D 95 -5.00 9.17 16.09
C PHE D 95 -4.99 10.12 17.29
N THR D 96 -4.04 9.88 18.18
CA THR D 96 -3.88 10.73 19.34
C THR D 96 -2.70 11.61 19.00
N ALA D 97 -2.88 12.92 19.12
CA ALA D 97 -1.81 13.83 18.78
C ALA D 97 -1.22 14.55 19.97
N ASN D 98 0.10 14.69 19.95
CA ASN D 98 0.89 15.39 20.97
C ASN D 98 0.95 14.83 22.40
N ASP D 99 0.46 13.60 22.61
CA ASP D 99 0.51 13.04 23.96
C ASP D 99 1.91 12.58 24.35
N SER D 100 2.90 12.96 23.54
CA SER D 100 4.31 12.63 23.76
C SER D 100 5.21 13.66 23.07
N GLY D 101 4.80 14.93 23.12
CA GLY D 101 5.56 16.01 22.50
C GLY D 101 4.79 16.80 21.45
N HIS D 102 5.24 18.03 21.19
CA HIS D 102 4.59 18.90 20.21
C HIS D 102 5.30 18.77 18.85
N ARG D 103 4.82 17.81 18.06
CA ARG D 103 5.40 17.51 16.75
C ARG D 103 4.48 17.82 15.57
N HIS D 104 5.04 17.71 14.36
CA HIS D 104 4.29 17.97 13.11
C HIS D 104 3.75 16.68 12.47
N TYR D 105 2.45 16.68 12.19
CA TYR D 105 1.80 15.51 11.59
C TYR D 105 1.48 15.63 10.09
N THR D 106 1.82 14.59 9.35
CA THR D 106 1.52 14.55 7.93
C THR D 106 0.79 13.23 7.68
N ILE D 107 -0.48 13.34 7.29
CA ILE D 107 -1.27 12.17 6.98
C ILE D 107 -1.26 12.06 5.46
N ALA D 108 -0.71 10.98 4.92
CA ALA D 108 -0.69 10.79 3.48
C ALA D 108 -1.72 9.77 3.06
N ALA D 109 -2.23 9.91 1.85
CA ALA D 109 -3.23 8.98 1.36
C ALA D 109 -3.09 8.78 -0.12
N LEU D 110 -3.03 7.51 -0.53
CA LEU D 110 -2.90 7.08 -1.93
C LEU D 110 -4.22 6.39 -2.26
N LEU D 111 -4.94 6.93 -3.24
CA LEU D 111 -6.27 6.43 -3.61
C LEU D 111 -6.52 5.72 -4.91
N SER D 112 -7.32 4.67 -4.82
CA SER D 112 -7.78 3.87 -5.95
C SER D 112 -9.24 3.59 -5.59
N PRO D 113 -10.05 3.15 -6.56
CA PRO D 113 -11.47 2.89 -6.30
C PRO D 113 -11.81 1.80 -5.27
N TYR D 114 -11.08 0.69 -5.27
CA TYR D 114 -11.37 -0.36 -4.31
C TYR D 114 -10.32 -0.55 -3.25
N SER D 115 -9.42 0.42 -3.12
CA SER D 115 -8.36 0.33 -2.14
C SER D 115 -7.68 1.66 -1.88
N TYR D 116 -7.34 1.91 -0.63
CA TYR D 116 -6.66 3.13 -0.28
C TYR D 116 -5.67 2.79 0.81
N SER D 117 -4.68 3.65 0.96
CA SER D 117 -3.62 3.47 1.94
C SER D 117 -3.29 4.78 2.62
N THR D 118 -3.07 4.73 3.93
CA THR D 118 -2.75 5.90 4.72
C THR D 118 -1.48 5.66 5.51
N THR D 119 -0.71 6.72 5.68
CA THR D 119 0.52 6.64 6.43
C THR D 119 0.75 7.97 7.14
N ALA D 120 1.55 7.92 8.20
CA ALA D 120 1.80 9.11 8.97
C ALA D 120 3.27 9.41 9.09
N VAL D 121 3.60 10.69 8.99
CA VAL D 121 4.95 11.16 9.15
C VAL D 121 4.95 12.16 10.28
N VAL D 122 5.54 11.76 11.39
CA VAL D 122 5.63 12.61 12.57
C VAL D 122 7.06 13.14 12.62
N SER D 123 7.20 14.39 12.23
CA SER D 123 8.49 15.07 12.23
C SER D 123 8.72 15.69 13.60
N ASN D 124 9.57 16.71 13.65
CA ASN D 124 9.91 17.36 14.89
C ASN D 124 10.37 18.81 14.65
N PRO D 125 9.90 19.76 15.47
CA PRO D 125 10.28 21.18 15.34
C PRO D 125 11.75 21.39 15.72
N GLN D 126 12.63 21.22 14.72
CA GLN D 126 14.08 21.33 14.86
C GLN D 126 14.71 22.53 15.60
N ASN D 127 15.07 23.59 14.86
CA ASN D 127 15.72 24.79 15.42
C ASN D 127 14.83 25.76 16.18
#